data_6KP5
#
_entry.id   6KP5
#
_cell.length_a   58.320
_cell.length_b   94.630
_cell.length_c   51.670
_cell.angle_alpha   90.000
_cell.angle_beta   90.000
_cell.angle_gamma   90.000
#
_symmetry.space_group_name_H-M   'P 21 21 2'
#
loop_
_entity.id
_entity.type
_entity.pdbx_description
1 polymer 'Xanthine phosphoribosyltransferase'
2 non-polymer 'SULFATE ION'
3 water water
#
_entity_poly.entity_id   1
_entity_poly.type   'polypeptide(L)'
_entity_poly.pdbx_seq_one_letter_code
;SMNEKYVVTWDMLQIHARKLAQRLLPAEQWKGIIAVSRGGLVPAGILARELGIRYVDTVCISSYDHDNQRDLKVLKRAEG
DGEGFIVIDDLVDTGGTATAIREMYPKAHFVTIFAKPAGRPLVDDYVVDIPQNTWIEQPWDMAVTFVAPLSGK
;
_entity_poly.pdbx_strand_id   A,B
#
loop_
_chem_comp.id
_chem_comp.type
_chem_comp.name
_chem_comp.formula
SO4 non-polymer 'SULFATE ION' 'O4 S -2'
#
# COMPACT_ATOMS: atom_id res chain seq x y z
N GLU A 4 -2.01 15.20 -22.20
CA GLU A 4 -1.53 15.91 -21.00
C GLU A 4 -1.30 14.88 -19.89
N LYS A 5 -0.29 15.18 -19.07
CA LYS A 5 0.12 14.35 -17.92
C LYS A 5 -0.21 15.14 -16.67
N TYR A 6 -0.54 14.41 -15.61
CA TYR A 6 -0.66 14.93 -14.24
C TYR A 6 0.26 14.08 -13.35
N VAL A 7 1.36 14.66 -12.96
CA VAL A 7 2.37 13.93 -12.15
C VAL A 7 2.02 13.97 -10.69
N VAL A 8 2.10 12.81 -10.06
CA VAL A 8 1.81 12.64 -8.60
C VAL A 8 3.09 12.13 -7.91
N THR A 9 3.58 12.92 -6.97
CA THR A 9 4.73 12.46 -6.16
C THR A 9 4.25 11.75 -4.92
N TRP A 10 5.15 10.97 -4.29
CA TRP A 10 4.80 10.26 -3.05
C TRP A 10 4.31 11.23 -2.01
N ASP A 11 5.01 12.31 -1.77
CA ASP A 11 4.61 13.25 -0.71
C ASP A 11 3.23 13.85 -1.01
N MET A 12 2.96 14.18 -2.27
N MET A 12 2.96 14.17 -2.27
CA MET A 12 1.61 14.75 -2.55
CA MET A 12 1.64 14.74 -2.66
C MET A 12 0.51 13.70 -2.47
C MET A 12 0.52 13.72 -2.48
N LEU A 13 0.75 12.46 -2.90
CA LEU A 13 -0.24 11.41 -2.72
C LEU A 13 -0.58 11.33 -1.22
N GLN A 14 0.45 11.38 -0.37
CA GLN A 14 0.24 11.32 1.05
C GLN A 14 -0.50 12.51 1.59
N ILE A 15 -0.20 13.71 1.13
CA ILE A 15 -0.99 14.90 1.54
C ILE A 15 -2.47 14.64 1.24
N HIS A 16 -2.77 14.23 0.01
CA HIS A 16 -4.19 14.05 -0.35
C HIS A 16 -4.81 12.93 0.47
N ALA A 17 -4.11 11.82 0.69
CA ALA A 17 -4.66 10.72 1.44
C ALA A 17 -4.89 11.12 2.90
N ARG A 18 -4.03 11.91 3.48
CA ARG A 18 -4.24 12.37 4.88
C ARG A 18 -5.44 13.34 4.94
N LYS A 19 -5.63 14.14 3.92
CA LYS A 19 -6.81 15.01 3.86
C LYS A 19 -8.07 14.18 3.79
N LEU A 20 -8.09 13.14 2.99
CA LEU A 20 -9.22 12.20 2.97
C LEU A 20 -9.41 11.53 4.34
N ALA A 21 -8.35 11.08 4.97
CA ALA A 21 -8.49 10.47 6.30
C ALA A 21 -9.14 11.43 7.29
N GLN A 22 -8.82 12.70 7.23
CA GLN A 22 -9.38 13.70 8.14
C GLN A 22 -10.90 13.75 7.92
N ARG A 23 -11.33 13.64 6.67
CA ARG A 23 -12.77 13.66 6.37
C ARG A 23 -13.45 12.41 6.90
N LEU A 24 -12.78 11.31 7.10
CA LEU A 24 -13.31 10.00 7.54
C LEU A 24 -13.37 9.91 9.07
N LEU A 25 -12.85 10.91 9.77
CA LEU A 25 -12.93 10.90 11.25
C LEU A 25 -14.37 11.05 11.65
N PRO A 26 -14.80 10.49 12.78
CA PRO A 26 -13.98 9.71 13.73
C PRO A 26 -13.75 8.25 13.25
N ALA A 27 -12.56 7.73 13.58
CA ALA A 27 -12.17 6.40 13.10
C ALA A 27 -13.09 5.30 13.62
N GLU A 28 -13.68 5.50 14.79
CA GLU A 28 -14.48 4.46 15.45
C GLU A 28 -15.72 4.15 14.61
N GLN A 29 -16.11 4.95 13.64
CA GLN A 29 -17.28 4.58 12.84
C GLN A 29 -16.97 3.40 11.90
N TRP A 30 -15.70 2.99 11.72
CA TRP A 30 -15.35 2.03 10.66
C TRP A 30 -14.89 0.70 11.24
N LYS A 31 -15.25 -0.38 10.57
CA LYS A 31 -14.79 -1.73 10.89
C LYS A 31 -13.50 -2.09 10.15
N GLY A 32 -13.23 -1.46 9.02
CA GLY A 32 -12.09 -1.87 8.24
C GLY A 32 -12.03 -1.08 6.96
N ILE A 33 -10.98 -1.39 6.21
CA ILE A 33 -10.70 -0.79 4.90
C ILE A 33 -10.53 -1.92 3.88
N ILE A 34 -11.13 -1.75 2.72
CA ILE A 34 -10.89 -2.65 1.59
C ILE A 34 -10.20 -1.82 0.50
N ALA A 35 -8.99 -2.27 0.14
CA ALA A 35 -8.20 -1.66 -0.95
C ALA A 35 -8.56 -2.27 -2.28
N VAL A 36 -8.81 -1.47 -3.27
CA VAL A 36 -8.96 -1.95 -4.67
C VAL A 36 -7.54 -2.16 -5.25
N SER A 37 -7.16 -3.38 -5.52
CA SER A 37 -5.78 -3.60 -6.05
C SER A 37 -5.69 -3.20 -7.52
N ARG A 38 -4.55 -2.63 -7.93
CA ARG A 38 -3.37 -2.27 -7.17
C ARG A 38 -3.38 -0.84 -6.65
N GLY A 39 -4.10 0.02 -7.33
CA GLY A 39 -3.99 1.45 -7.09
C GLY A 39 -4.32 1.86 -5.68
N GLY A 40 -5.27 1.15 -5.04
CA GLY A 40 -5.72 1.51 -3.71
C GLY A 40 -4.81 1.00 -2.59
N LEU A 41 -3.74 0.23 -2.88
CA LEU A 41 -2.92 -0.36 -1.83
C LEU A 41 -2.19 0.71 -1.01
N VAL A 42 -1.47 1.61 -1.70
CA VAL A 42 -0.71 2.67 -0.97
C VAL A 42 -1.68 3.60 -0.23
N PRO A 43 -2.76 4.13 -0.90
CA PRO A 43 -3.73 4.92 -0.14
C PRO A 43 -4.31 4.21 1.08
N ALA A 44 -4.60 2.93 0.94
CA ALA A 44 -5.13 2.13 2.06
C ALA A 44 -4.12 2.10 3.18
N GLY A 45 -2.82 1.93 2.88
CA GLY A 45 -1.81 1.93 3.95
C GLY A 45 -1.79 3.26 4.70
N ILE A 46 -1.92 4.37 3.96
CA ILE A 46 -1.94 5.68 4.61
C ILE A 46 -3.20 5.83 5.46
N LEU A 47 -4.36 5.54 4.92
CA LEU A 47 -5.60 5.60 5.74
C LEU A 47 -5.50 4.69 6.96
N ALA A 48 -5.01 3.46 6.80
CA ALA A 48 -4.89 2.53 7.94
C ALA A 48 -4.05 3.17 9.05
N ARG A 49 -2.94 3.78 8.69
CA ARG A 49 -2.05 4.42 9.65
C ARG A 49 -2.79 5.57 10.35
N GLU A 50 -3.41 6.43 9.56
CA GLU A 50 -4.05 7.61 10.15
C GLU A 50 -5.26 7.30 10.98
N LEU A 51 -6.01 6.28 10.60
CA LEU A 51 -7.25 5.97 11.33
C LEU A 51 -7.02 4.91 12.40
N GLY A 52 -5.80 4.36 12.49
CA GLY A 52 -5.59 3.33 13.50
C GLY A 52 -6.36 2.08 13.16
N ILE A 53 -6.55 1.73 11.91
CA ILE A 53 -7.38 0.57 11.49
C ILE A 53 -6.42 -0.52 11.03
N ARG A 54 -6.42 -1.67 11.68
CA ARG A 54 -5.58 -2.83 11.31
C ARG A 54 -6.29 -3.89 10.46
N TYR A 55 -7.61 -3.86 10.39
CA TYR A 55 -8.41 -4.72 9.50
C TYR A 55 -8.44 -4.10 8.13
N VAL A 56 -7.53 -4.58 7.29
CA VAL A 56 -7.36 -4.14 5.89
C VAL A 56 -7.47 -5.37 5.00
N ASP A 57 -8.34 -5.34 4.03
CA ASP A 57 -8.55 -6.44 3.09
C ASP A 57 -8.44 -5.85 1.67
N THR A 58 -8.58 -6.69 0.67
CA THR A 58 -8.44 -6.30 -0.73
C THR A 58 -9.56 -6.90 -1.61
N VAL A 59 -9.77 -6.20 -2.72
CA VAL A 59 -10.56 -6.71 -3.86
C VAL A 59 -9.69 -6.57 -5.11
N CYS A 60 -9.60 -7.65 -5.86
CA CYS A 60 -8.72 -7.76 -7.03
C CYS A 60 -9.59 -8.22 -8.22
N ILE A 61 -9.80 -7.35 -9.18
CA ILE A 61 -10.61 -7.65 -10.38
C ILE A 61 -9.78 -7.41 -11.66
N SER A 62 -9.91 -8.19 -12.75
CA SER A 62 -9.46 -7.72 -14.10
C SER A 62 -10.68 -7.15 -14.86
N LEU A 72 -15.22 -9.68 -17.31
CA LEU A 72 -14.77 -9.32 -15.93
C LEU A 72 -14.42 -10.59 -15.13
N LYS A 73 -13.18 -10.64 -14.59
CA LYS A 73 -12.65 -11.76 -13.76
C LYS A 73 -12.43 -11.21 -12.35
N VAL A 74 -12.94 -11.92 -11.36
CA VAL A 74 -12.59 -11.66 -9.94
C VAL A 74 -11.41 -12.55 -9.58
N LEU A 75 -10.26 -11.95 -9.34
CA LEU A 75 -9.08 -12.73 -8.92
C LEU A 75 -9.25 -13.13 -7.46
N LYS A 76 -9.70 -12.21 -6.62
CA LYS A 76 -9.89 -12.40 -5.19
C LYS A 76 -10.80 -11.28 -4.68
N ARG A 77 -11.73 -11.58 -3.79
CA ARG A 77 -12.53 -10.47 -3.22
C ARG A 77 -12.74 -10.66 -1.73
N ALA A 78 -12.76 -9.57 -0.97
CA ALA A 78 -13.24 -9.50 0.43
C ALA A 78 -14.74 -9.88 0.47
N GLU A 79 -15.10 -10.68 1.46
CA GLU A 79 -16.49 -11.14 1.63
C GLU A 79 -17.39 -10.01 2.16
N GLY A 80 -18.66 -10.10 1.88
CA GLY A 80 -19.64 -9.19 2.48
C GLY A 80 -20.02 -8.04 1.58
N ASP A 81 -20.94 -7.23 2.08
CA ASP A 81 -21.60 -6.13 1.34
C ASP A 81 -21.02 -4.78 1.73
N GLY A 82 -19.88 -4.80 2.46
CA GLY A 82 -19.16 -3.56 2.75
C GLY A 82 -19.67 -2.75 3.92
N GLU A 83 -20.65 -3.25 4.65
CA GLU A 83 -21.17 -2.48 5.79
C GLU A 83 -20.04 -2.16 6.81
N GLY A 84 -19.91 -0.88 7.14
CA GLY A 84 -18.90 -0.36 8.08
C GLY A 84 -17.49 -0.29 7.50
N PHE A 85 -17.34 -0.52 6.20
CA PHE A 85 -16.03 -0.46 5.54
C PHE A 85 -15.92 0.81 4.71
N ILE A 86 -14.65 1.22 4.61
CA ILE A 86 -14.18 2.16 3.56
C ILE A 86 -13.66 1.29 2.42
N VAL A 87 -14.05 1.56 1.21
CA VAL A 87 -13.42 0.95 0.02
C VAL A 87 -12.68 2.10 -0.63
N ILE A 88 -11.34 1.89 -0.91
CA ILE A 88 -10.47 2.96 -1.48
C ILE A 88 -9.76 2.47 -2.73
N ASP A 89 -9.84 3.33 -3.74
CA ASP A 89 -9.04 3.15 -4.96
C ASP A 89 -8.26 4.44 -5.17
N ASP A 90 -7.23 4.40 -6.02
CA ASP A 90 -6.46 5.65 -6.28
C ASP A 90 -7.26 6.63 -7.15
N LEU A 91 -7.94 6.13 -8.16
CA LEU A 91 -8.60 6.95 -9.20
C LEU A 91 -9.88 6.29 -9.61
N VAL A 92 -10.87 7.11 -9.94
CA VAL A 92 -12.08 6.70 -10.70
C VAL A 92 -12.04 7.47 -12.04
N ASP A 93 -11.97 6.74 -13.17
CA ASP A 93 -11.62 7.26 -14.53
C ASP A 93 -12.88 7.23 -15.40
N THR A 94 -13.16 6.08 -15.99
CA THR A 94 -14.40 5.83 -16.78
C THR A 94 -15.46 5.31 -15.85
N GLY A 95 -15.06 4.64 -14.76
CA GLY A 95 -15.99 4.05 -13.79
C GLY A 95 -16.30 2.56 -13.99
N GLY A 96 -15.58 1.81 -14.84
CA GLY A 96 -15.79 0.36 -15.04
C GLY A 96 -15.67 -0.43 -13.74
N THR A 97 -14.50 -0.36 -13.08
CA THR A 97 -14.24 -1.02 -11.79
C THR A 97 -15.21 -0.46 -10.75
N ALA A 98 -15.48 0.85 -10.84
CA ALA A 98 -16.27 1.54 -9.81
C ALA A 98 -17.68 0.94 -9.83
N THR A 99 -18.25 0.70 -11.02
CA THR A 99 -19.62 0.18 -11.14
C THR A 99 -19.68 -1.21 -10.47
N ALA A 100 -18.63 -2.04 -10.69
CA ALA A 100 -18.55 -3.40 -10.11
C ALA A 100 -18.36 -3.35 -8.60
N ILE A 101 -17.50 -2.48 -8.13
CA ILE A 101 -17.29 -2.33 -6.67
CA ILE A 101 -17.27 -2.22 -6.68
C ILE A 101 -18.57 -1.87 -5.98
N ARG A 102 -19.31 -0.93 -6.56
CA ARG A 102 -20.57 -0.51 -5.89
C ARG A 102 -21.47 -1.72 -5.75
N GLU A 103 -21.58 -2.46 -6.83
CA GLU A 103 -22.47 -3.63 -6.88
C GLU A 103 -22.06 -4.68 -5.82
N MET A 104 -20.73 -4.88 -5.62
CA MET A 104 -20.21 -5.92 -4.67
C MET A 104 -20.29 -5.44 -3.21
N TYR A 105 -20.07 -4.16 -2.99
CA TYR A 105 -19.96 -3.61 -1.61
C TYR A 105 -20.91 -2.43 -1.51
N PRO A 106 -22.23 -2.66 -1.64
CA PRO A 106 -23.18 -1.54 -1.73
C PRO A 106 -23.29 -0.69 -0.44
N LYS A 107 -22.91 -1.28 0.75
CA LYS A 107 -22.94 -0.52 2.05
C LYS A 107 -21.59 0.13 2.40
N ALA A 108 -20.55 -0.02 1.55
CA ALA A 108 -19.28 0.61 1.87
C ALA A 108 -19.40 2.09 1.55
N HIS A 109 -18.48 2.84 2.19
CA HIS A 109 -18.20 4.25 1.86
C HIS A 109 -17.06 4.20 0.83
N PHE A 110 -17.32 4.48 -0.41
CA PHE A 110 -16.36 4.29 -1.53
C PHE A 110 -15.73 5.64 -1.81
N VAL A 111 -14.39 5.65 -1.72
CA VAL A 111 -13.60 6.88 -1.82
C VAL A 111 -12.39 6.68 -2.76
N THR A 112 -11.98 7.74 -3.40
CA THR A 112 -10.75 7.70 -4.20
C THR A 112 -9.97 8.93 -3.90
N ILE A 113 -8.68 8.92 -4.28
CA ILE A 113 -7.88 10.17 -4.22
C ILE A 113 -8.32 11.06 -5.38
N PHE A 114 -8.29 10.57 -6.59
CA PHE A 114 -8.50 11.34 -7.82
C PHE A 114 -9.83 10.92 -8.47
N ALA A 115 -10.48 11.85 -9.14
CA ALA A 115 -11.66 11.52 -9.99
C ALA A 115 -11.59 12.31 -11.28
N LYS A 116 -11.78 11.59 -12.38
CA LYS A 116 -12.06 12.20 -13.71
C LYS A 116 -13.55 12.42 -13.86
N PRO A 117 -14.01 13.31 -14.77
CA PRO A 117 -15.44 13.66 -14.77
C PRO A 117 -16.38 12.47 -14.94
N ALA A 118 -16.03 11.54 -15.84
CA ALA A 118 -16.92 10.39 -16.17
C ALA A 118 -17.19 9.56 -14.90
N GLY A 119 -16.26 9.45 -13.93
CA GLY A 119 -16.49 8.50 -12.82
C GLY A 119 -16.40 9.22 -11.35
N ARG A 120 -16.76 10.72 -11.52
CA ARG A 120 -16.95 11.55 -10.30
C ARG A 120 -18.21 11.02 -9.62
N PRO A 121 -19.40 10.80 -10.27
CA PRO A 121 -20.57 10.49 -9.48
C PRO A 121 -20.71 9.04 -9.08
N LEU A 122 -19.69 8.25 -9.35
CA LEU A 122 -19.69 6.83 -9.01
C LEU A 122 -19.01 6.58 -7.65
N VAL A 123 -18.49 7.61 -6.99
CA VAL A 123 -17.86 7.46 -5.66
C VAL A 123 -18.55 8.40 -4.72
N ASP A 124 -18.43 8.10 -3.45
CA ASP A 124 -18.98 8.93 -2.39
C ASP A 124 -18.13 10.14 -2.07
N ASP A 125 -16.81 9.99 -2.23
CA ASP A 125 -15.94 11.15 -1.98
C ASP A 125 -14.61 10.97 -2.70
N TYR A 126 -14.01 12.09 -3.05
CA TYR A 126 -12.65 12.07 -3.62
C TYR A 126 -11.98 13.40 -3.29
N VAL A 127 -10.69 13.48 -3.50
CA VAL A 127 -9.94 14.69 -3.11
C VAL A 127 -9.67 15.63 -4.27
N VAL A 128 -9.17 15.10 -5.36
CA VAL A 128 -8.66 15.96 -6.46
C VAL A 128 -9.36 15.63 -7.77
N ASP A 129 -9.89 16.66 -8.43
CA ASP A 129 -10.42 16.56 -9.81
C ASP A 129 -9.30 16.56 -10.84
N ILE A 130 -9.37 15.68 -11.83
CA ILE A 130 -8.42 15.52 -12.96
C ILE A 130 -9.22 15.59 -14.26
N PRO A 131 -8.82 16.34 -15.28
CA PRO A 131 -9.56 16.32 -16.56
C PRO A 131 -9.55 14.93 -17.22
N GLN A 132 -10.63 14.63 -18.01
CA GLN A 132 -10.82 13.26 -18.53
C GLN A 132 -9.63 12.81 -19.40
N ASN A 133 -9.07 13.72 -20.25
CA ASN A 133 -7.99 13.33 -21.22
C ASN A 133 -6.58 13.45 -20.62
N THR A 134 -6.45 13.46 -19.30
CA THR A 134 -5.13 13.60 -18.65
C THR A 134 -4.70 12.25 -18.07
N TRP A 135 -3.48 11.78 -18.37
N TRP A 135 -3.50 11.74 -18.42
CA TRP A 135 -2.99 10.52 -17.76
CA TRP A 135 -2.90 10.53 -17.79
C TRP A 135 -2.38 10.86 -16.39
C TRP A 135 -2.44 10.94 -16.38
N ILE A 136 -2.80 10.17 -15.37
CA ILE A 136 -2.24 10.39 -14.03
C ILE A 136 -1.03 9.47 -13.91
N GLU A 137 0.11 10.07 -13.62
N GLU A 137 0.11 10.07 -13.64
CA GLU A 137 1.38 9.35 -13.43
CA GLU A 137 1.39 9.38 -13.46
C GLU A 137 1.64 9.24 -11.94
C GLU A 137 1.65 9.25 -11.96
N GLN A 138 1.37 8.07 -11.42
CA GLN A 138 1.46 7.82 -9.97
C GLN A 138 2.92 7.58 -9.56
N PRO A 139 3.21 7.78 -8.26
CA PRO A 139 4.64 7.78 -7.88
C PRO A 139 5.25 6.41 -7.94
N TRP A 140 4.48 5.34 -7.85
CA TRP A 140 5.03 3.97 -8.03
C TRP A 140 5.44 3.72 -9.47
N ASP A 141 5.14 4.60 -10.43
CA ASP A 141 5.61 4.45 -11.81
C ASP A 141 6.91 5.22 -12.07
N MET A 142 7.46 5.91 -11.11
CA MET A 142 8.54 6.86 -11.39
C MET A 142 9.72 6.62 -10.46
N ALA A 143 10.86 7.21 -10.83
CA ALA A 143 12.08 7.28 -9.98
C ALA A 143 12.68 8.67 -10.16
N VAL A 144 13.33 9.21 -9.18
CA VAL A 144 14.16 10.44 -9.38
C VAL A 144 15.38 10.07 -10.21
N THR A 145 15.49 10.71 -11.40
CA THR A 145 16.46 10.28 -12.42
C THR A 145 17.10 11.54 -13.02
N PHE A 146 18.39 11.43 -13.37
CA PHE A 146 19.04 12.54 -14.10
C PHE A 146 18.24 12.82 -15.39
N VAL A 147 18.01 14.10 -15.66
CA VAL A 147 17.34 14.58 -16.87
C VAL A 147 18.27 15.57 -17.56
N ALA A 148 18.49 15.35 -18.84
CA ALA A 148 19.29 16.30 -19.62
C ALA A 148 18.63 17.67 -19.62
N PRO A 149 19.40 18.77 -19.59
CA PRO A 149 18.80 20.07 -19.74
C PRO A 149 17.97 20.14 -21.05
N LEU A 150 16.83 20.78 -20.97
CA LEU A 150 15.96 20.92 -22.16
C LEU A 150 16.64 21.63 -23.31
N SER A 151 17.56 22.52 -23.03
CA SER A 151 18.29 23.38 -24.02
C SER A 151 18.81 22.37 -25.02
N GLU B 4 19.71 8.57 17.76
CA GLU B 4 19.52 9.30 16.45
C GLU B 4 18.51 8.55 15.61
N LYS B 5 17.50 9.27 15.18
CA LYS B 5 16.35 8.69 14.45
C LYS B 5 16.86 8.23 13.06
N TYR B 6 16.45 7.04 12.67
CA TYR B 6 16.68 6.48 11.31
C TYR B 6 15.40 6.74 10.53
N VAL B 7 15.43 7.70 9.63
CA VAL B 7 14.24 8.17 8.94
C VAL B 7 14.27 7.61 7.51
N VAL B 8 13.23 6.93 7.15
CA VAL B 8 13.04 6.35 5.82
C VAL B 8 12.18 7.34 5.01
N THR B 9 12.64 7.75 3.81
CA THR B 9 11.79 8.54 2.90
C THR B 9 11.03 7.61 2.01
N TRP B 10 9.95 8.17 1.39
CA TRP B 10 9.19 7.38 0.39
C TRP B 10 10.12 6.89 -0.72
N ASP B 11 10.98 7.82 -1.22
CA ASP B 11 11.79 7.42 -2.37
C ASP B 11 12.84 6.37 -2.00
N MET B 12 13.41 6.43 -0.78
N MET B 12 13.40 6.45 -0.78
CA MET B 12 14.36 5.39 -0.35
CA MET B 12 14.36 5.42 -0.32
C MET B 12 13.66 4.05 -0.17
C MET B 12 13.66 4.07 -0.15
N LEU B 13 12.46 4.07 0.40
N LEU B 13 12.46 4.07 0.41
CA LEU B 13 11.69 2.82 0.56
CA LEU B 13 11.69 2.83 0.56
C LEU B 13 11.48 2.19 -0.81
C LEU B 13 11.48 2.20 -0.81
N GLN B 14 11.14 3.03 -1.80
CA GLN B 14 10.91 2.50 -3.16
C GLN B 14 12.19 1.95 -3.79
N ILE B 15 13.33 2.65 -3.58
CA ILE B 15 14.64 2.10 -4.05
C ILE B 15 14.84 0.70 -3.47
N HIS B 16 14.62 0.55 -2.14
CA HIS B 16 14.83 -0.78 -1.50
C HIS B 16 13.88 -1.81 -2.06
N ALA B 17 12.59 -1.44 -2.20
CA ALA B 17 11.60 -2.37 -2.70
C ALA B 17 11.86 -2.80 -4.13
N ARG B 18 12.40 -1.87 -4.96
CA ARG B 18 12.80 -2.26 -6.32
C ARG B 18 14.00 -3.22 -6.31
N LYS B 19 14.94 -3.04 -5.41
CA LYS B 19 16.05 -3.99 -5.27
C LYS B 19 15.51 -5.37 -4.89
N LEU B 20 14.54 -5.42 -3.99
CA LEU B 20 13.90 -6.71 -3.65
C LEU B 20 13.15 -7.30 -4.85
N ALA B 21 12.40 -6.46 -5.56
CA ALA B 21 11.65 -6.95 -6.74
C ALA B 21 12.55 -7.63 -7.74
N GLN B 22 13.74 -7.06 -7.97
CA GLN B 22 14.66 -7.67 -8.94
C GLN B 22 15.04 -9.09 -8.53
N ARG B 23 15.19 -9.33 -7.23
CA ARG B 23 15.52 -10.68 -6.76
C ARG B 23 14.38 -11.66 -6.96
N LEU B 24 13.15 -11.16 -7.01
CA LEU B 24 11.95 -11.95 -7.07
C LEU B 24 11.56 -12.30 -8.52
N LEU B 25 12.32 -11.80 -9.49
CA LEU B 25 12.12 -12.20 -10.87
C LEU B 25 12.53 -13.64 -11.07
N PRO B 26 11.90 -14.43 -11.98
CA PRO B 26 10.78 -14.03 -12.82
C PRO B 26 9.44 -13.87 -12.10
N ALA B 27 8.77 -12.80 -12.41
CA ALA B 27 7.52 -12.49 -11.76
C ALA B 27 6.49 -13.58 -11.97
N GLU B 28 6.56 -14.24 -13.12
CA GLU B 28 5.59 -15.25 -13.53
C GLU B 28 5.54 -16.44 -12.56
N GLN B 29 6.56 -16.62 -11.73
CA GLN B 29 6.57 -17.76 -10.84
C GLN B 29 5.58 -17.61 -9.67
N TRP B 30 5.07 -16.41 -9.42
CA TRP B 30 4.25 -16.15 -8.21
C TRP B 30 2.74 -16.20 -8.50
N LYS B 31 1.99 -16.78 -7.58
CA LYS B 31 0.51 -16.69 -7.60
C LYS B 31 0.08 -15.30 -7.12
N GLY B 32 0.80 -14.66 -6.22
CA GLY B 32 0.34 -13.41 -5.67
C GLY B 32 1.25 -12.92 -4.55
N ILE B 33 0.81 -11.84 -3.93
CA ILE B 33 1.49 -11.19 -2.81
C ILE B 33 0.51 -11.12 -1.65
N ILE B 34 0.98 -11.45 -0.48
CA ILE B 34 0.22 -11.23 0.79
C ILE B 34 0.95 -10.16 1.62
N ALA B 35 0.28 -9.04 1.85
CA ALA B 35 0.80 -7.98 2.70
C ALA B 35 0.52 -8.22 4.17
N VAL B 36 1.51 -8.07 5.01
CA VAL B 36 1.28 -8.04 6.49
C VAL B 36 0.73 -6.66 6.86
N SER B 37 -0.48 -6.57 7.32
CA SER B 37 -1.06 -5.27 7.67
C SER B 37 -0.43 -4.80 8.97
N ARG B 38 -0.13 -3.53 9.11
CA ARG B 38 -0.20 -2.45 8.13
C ARG B 38 1.12 -2.21 7.40
N GLY B 39 2.22 -2.57 8.00
CA GLY B 39 3.55 -2.18 7.52
C GLY B 39 3.86 -2.69 6.12
N GLY B 40 3.32 -3.79 5.72
CA GLY B 40 3.52 -4.40 4.43
C GLY B 40 2.70 -3.81 3.31
N LEU B 41 1.72 -2.99 3.60
CA LEU B 41 0.78 -2.54 2.53
C LEU B 41 1.50 -1.70 1.45
N VAL B 42 2.29 -0.71 1.85
CA VAL B 42 2.99 0.12 0.84
C VAL B 42 4.07 -0.70 0.11
N PRO B 43 4.91 -1.49 0.80
CA PRO B 43 5.82 -2.36 0.09
C PRO B 43 5.11 -3.32 -0.88
N ALA B 44 3.94 -3.85 -0.48
CA ALA B 44 3.20 -4.72 -1.39
C ALA B 44 2.73 -3.95 -2.62
N GLY B 45 2.28 -2.71 -2.45
CA GLY B 45 1.87 -1.90 -3.60
C GLY B 45 3.02 -1.74 -4.59
N ILE B 46 4.23 -1.47 -4.08
CA ILE B 46 5.40 -1.28 -4.94
C ILE B 46 5.72 -2.60 -5.62
N LEU B 47 5.78 -3.72 -4.86
CA LEU B 47 6.06 -5.01 -5.51
C LEU B 47 5.03 -5.35 -6.55
N ALA B 48 3.77 -5.08 -6.26
CA ALA B 48 2.68 -5.41 -7.20
C ALA B 48 2.89 -4.66 -8.52
N ARG B 49 3.31 -3.40 -8.44
CA ARG B 49 3.62 -2.60 -9.66
C ARG B 49 4.82 -3.22 -10.39
N GLU B 50 5.90 -3.48 -9.64
CA GLU B 50 7.16 -3.88 -10.29
C GLU B 50 7.07 -5.26 -10.90
N LEU B 51 6.28 -6.17 -10.27
CA LEU B 51 6.17 -7.56 -10.68
C LEU B 51 4.94 -7.80 -11.54
N GLY B 52 4.13 -6.77 -11.80
CA GLY B 52 2.93 -7.01 -12.60
C GLY B 52 1.98 -7.99 -11.95
N ILE B 53 1.87 -7.93 -10.64
CA ILE B 53 1.03 -8.91 -9.89
C ILE B 53 -0.21 -8.15 -9.40
N ARG B 54 -1.40 -8.52 -9.87
CA ARG B 54 -2.66 -7.91 -9.42
C ARG B 54 -3.30 -8.68 -8.28
N TYR B 55 -2.93 -9.94 -8.05
CA TYR B 55 -3.45 -10.74 -6.93
C TYR B 55 -2.70 -10.37 -5.67
N VAL B 56 -3.28 -9.45 -4.91
CA VAL B 56 -2.68 -8.98 -3.66
C VAL B 56 -3.72 -9.20 -2.58
N ASP B 57 -3.30 -9.88 -1.51
CA ASP B 57 -4.16 -10.19 -0.37
C ASP B 57 -3.49 -9.68 0.90
N THR B 58 -4.11 -9.89 2.08
CA THR B 58 -3.55 -9.37 3.32
C THR B 58 -3.70 -10.43 4.44
N VAL B 59 -2.84 -10.26 5.43
CA VAL B 59 -2.97 -10.92 6.73
C VAL B 59 -2.86 -9.85 7.79
N CYS B 60 -3.84 -9.93 8.71
CA CYS B 60 -4.02 -8.89 9.76
C CYS B 60 -3.98 -9.58 11.12
N ILE B 61 -2.87 -9.46 11.84
CA ILE B 61 -2.66 -10.13 13.16
C ILE B 61 -2.94 -9.11 14.25
N VAL B 74 -5.59 -13.30 15.21
CA VAL B 74 -5.76 -13.17 13.73
C VAL B 74 -7.10 -12.49 13.46
N LEU B 75 -7.05 -11.28 12.90
CA LEU B 75 -8.30 -10.53 12.54
C LEU B 75 -8.82 -11.09 11.22
N LYS B 76 -7.90 -11.32 10.30
CA LYS B 76 -8.25 -11.76 8.94
C LYS B 76 -6.99 -12.40 8.35
N ARG B 77 -7.12 -13.46 7.55
CA ARG B 77 -5.96 -14.02 6.84
C ARG B 77 -6.33 -14.53 5.45
N ALA B 78 -5.42 -14.37 4.52
CA ALA B 78 -5.46 -15.07 3.23
C ALA B 78 -5.44 -16.59 3.47
N GLU B 79 -6.28 -17.37 2.77
CA GLU B 79 -6.30 -18.84 3.04
C GLU B 79 -5.08 -19.57 2.47
N GLY B 80 -4.87 -20.76 2.97
CA GLY B 80 -3.88 -21.68 2.40
C GLY B 80 -2.56 -21.57 3.14
N ASP B 81 -1.60 -22.31 2.66
CA ASP B 81 -0.28 -22.48 3.29
C ASP B 81 0.78 -21.56 2.71
N GLY B 82 0.41 -20.69 1.81
CA GLY B 82 1.35 -19.71 1.27
C GLY B 82 2.14 -20.18 0.05
N GLU B 83 1.95 -21.41 -0.40
CA GLU B 83 2.74 -21.90 -1.56
C GLU B 83 2.49 -20.98 -2.77
N GLY B 84 3.57 -20.52 -3.41
CA GLY B 84 3.48 -19.63 -4.56
C GLY B 84 3.25 -18.16 -4.23
N PHE B 85 3.20 -17.81 -2.95
CA PHE B 85 3.02 -16.40 -2.53
C PHE B 85 4.30 -15.82 -1.98
N ILE B 86 4.46 -14.54 -2.26
CA ILE B 86 5.36 -13.65 -1.53
C ILE B 86 4.56 -13.12 -0.34
N VAL B 87 5.10 -13.20 0.87
CA VAL B 87 4.53 -12.46 2.03
C VAL B 87 5.49 -11.33 2.37
N ILE B 88 5.02 -10.09 2.42
CA ILE B 88 5.88 -8.93 2.64
C ILE B 88 5.49 -8.12 3.87
N ASP B 89 6.49 -7.75 4.63
CA ASP B 89 6.37 -6.82 5.75
C ASP B 89 7.40 -5.69 5.57
N ASP B 90 7.23 -4.59 6.27
CA ASP B 90 8.20 -3.51 6.24
C ASP B 90 9.47 -3.82 7.01
N LEU B 91 9.31 -4.40 8.20
CA LEU B 91 10.44 -4.56 9.18
C LEU B 91 10.20 -5.86 9.95
N VAL B 92 11.24 -6.63 10.14
CA VAL B 92 11.31 -7.71 11.14
C VAL B 92 12.22 -7.15 12.27
N ASP B 93 11.64 -6.98 13.46
CA ASP B 93 12.22 -6.28 14.64
C ASP B 93 12.55 -7.32 15.70
N THR B 94 11.55 -7.76 16.47
CA THR B 94 11.73 -8.78 17.51
C THR B 94 11.54 -10.17 16.90
N GLY B 95 10.83 -10.26 15.77
CA GLY B 95 10.49 -11.57 15.21
C GLY B 95 9.12 -12.11 15.63
N GLY B 96 8.32 -11.39 16.42
CA GLY B 96 7.02 -11.93 16.84
C GLY B 96 6.11 -12.11 15.64
N THR B 97 5.97 -11.12 14.77
CA THR B 97 5.04 -11.30 13.64
C THR B 97 5.51 -12.48 12.74
N ALA B 98 6.88 -12.41 12.48
CA ALA B 98 7.55 -13.37 11.61
C ALA B 98 7.22 -14.77 12.10
N THR B 99 7.31 -14.99 13.41
CA THR B 99 7.00 -16.30 13.94
C THR B 99 5.56 -16.74 13.54
N ALA B 100 4.61 -15.85 13.67
CA ALA B 100 3.23 -16.17 13.31
C ALA B 100 3.11 -16.42 11.80
N ILE B 101 3.79 -15.60 10.97
CA ILE B 101 3.75 -15.80 9.48
C ILE B 101 4.32 -17.14 9.09
N ARG B 102 5.46 -17.58 9.62
N ARG B 102 5.47 -17.50 9.67
CA ARG B 102 6.03 -18.90 9.24
CA ARG B 102 6.14 -18.78 9.38
C ARG B 102 5.09 -20.01 9.71
C ARG B 102 5.13 -19.88 9.69
N GLU B 103 4.41 -19.78 10.84
CA GLU B 103 3.48 -20.82 11.25
C GLU B 103 2.33 -20.96 10.25
N MET B 104 1.70 -19.85 9.83
N MET B 104 1.73 -19.82 9.87
CA MET B 104 0.45 -20.04 9.04
CA MET B 104 0.49 -19.76 9.07
C MET B 104 0.75 -20.09 7.55
C MET B 104 0.76 -20.05 7.59
N TYR B 105 1.93 -19.61 7.11
CA TYR B 105 2.20 -19.64 5.67
C TYR B 105 3.60 -20.28 5.50
N PRO B 106 3.72 -21.59 5.88
CA PRO B 106 5.04 -22.22 5.89
C PRO B 106 5.68 -22.30 4.51
N LYS B 107 4.90 -22.28 3.44
N LYS B 107 4.85 -22.30 3.47
CA LYS B 107 5.45 -22.45 2.07
CA LYS B 107 5.31 -22.49 2.07
C LYS B 107 5.54 -21.10 1.33
C LYS B 107 5.56 -21.12 1.38
N ALA B 108 5.24 -19.99 2.00
CA ALA B 108 5.42 -18.67 1.38
C ALA B 108 6.89 -18.28 1.37
N HIS B 109 7.25 -17.43 0.41
CA HIS B 109 8.54 -16.72 0.41
C HIS B 109 8.37 -15.42 1.20
N PHE B 110 8.86 -15.39 2.44
CA PHE B 110 8.61 -14.30 3.41
C PHE B 110 9.77 -13.29 3.37
N VAL B 111 9.45 -12.06 2.96
CA VAL B 111 10.46 -11.02 2.78
C VAL B 111 10.10 -9.76 3.52
N THR B 112 11.11 -8.97 3.79
N THR B 112 11.10 -9.03 4.03
CA THR B 112 10.93 -7.68 4.45
CA THR B 112 10.91 -7.65 4.56
C THR B 112 11.87 -6.68 3.82
C THR B 112 11.85 -6.69 3.84
N ILE B 113 11.53 -5.41 3.96
CA ILE B 113 12.45 -4.37 3.51
C ILE B 113 13.62 -4.29 4.52
N PHE B 114 13.32 -4.06 5.80
CA PHE B 114 14.32 -3.89 6.88
C PHE B 114 14.33 -5.12 7.78
N ALA B 115 15.51 -5.48 8.30
CA ALA B 115 15.64 -6.52 9.32
C ALA B 115 16.63 -6.08 10.39
N LYS B 116 16.25 -6.38 11.63
CA LYS B 116 17.15 -6.33 12.80
C LYS B 116 17.59 -7.75 13.12
N PRO B 117 18.73 -7.92 13.85
CA PRO B 117 19.24 -9.27 14.06
C PRO B 117 18.31 -10.25 14.78
N ALA B 118 17.52 -9.74 15.72
CA ALA B 118 16.76 -10.66 16.58
C ALA B 118 15.81 -11.49 15.74
N GLY B 119 15.25 -10.86 14.74
CA GLY B 119 14.25 -11.44 13.83
C GLY B 119 14.79 -11.91 12.50
N ARG B 120 16.03 -11.59 12.16
N ARG B 120 16.03 -11.54 12.14
CA ARG B 120 16.47 -11.87 10.78
CA ARG B 120 16.59 -11.89 10.82
C ARG B 120 16.48 -13.37 10.46
C ARG B 120 16.37 -13.36 10.50
N PRO B 121 16.73 -14.32 11.40
CA PRO B 121 16.61 -15.73 11.04
C PRO B 121 15.23 -16.23 10.59
N LEU B 122 14.20 -15.47 10.89
CA LEU B 122 12.79 -15.85 10.68
C LEU B 122 12.31 -15.44 9.28
N VAL B 123 13.10 -14.68 8.50
CA VAL B 123 12.64 -14.23 7.16
C VAL B 123 13.47 -14.92 6.10
N ASP B 124 12.92 -15.09 4.91
CA ASP B 124 13.65 -15.67 3.77
C ASP B 124 14.58 -14.65 3.12
N ASP B 125 14.20 -13.39 3.11
CA ASP B 125 15.07 -12.35 2.54
C ASP B 125 14.70 -10.99 3.14
N TYR B 126 15.66 -10.08 3.04
CA TYR B 126 15.53 -8.69 3.49
C TYR B 126 16.43 -7.83 2.60
N VAL B 127 16.19 -6.53 2.62
CA VAL B 127 17.03 -5.60 1.85
C VAL B 127 18.09 -4.91 2.70
N VAL B 128 17.69 -4.28 3.76
CA VAL B 128 18.56 -3.41 4.59
C VAL B 128 18.53 -3.99 5.99
N ASP B 129 19.72 -4.33 6.53
CA ASP B 129 19.80 -4.65 7.96
C ASP B 129 20.14 -3.37 8.70
N ILE B 130 19.61 -3.29 9.91
CA ILE B 130 19.87 -2.17 10.81
C ILE B 130 20.17 -2.72 12.20
N PRO B 131 20.89 -1.93 13.02
CA PRO B 131 21.15 -2.39 14.38
C PRO B 131 19.87 -2.63 15.18
N GLN B 132 19.94 -3.57 16.13
CA GLN B 132 18.78 -3.90 16.95
C GLN B 132 18.19 -2.65 17.64
N ASN B 133 19.03 -1.71 18.07
CA ASN B 133 18.58 -0.54 18.86
C ASN B 133 18.01 0.56 17.99
N THR B 134 17.99 0.42 16.67
CA THR B 134 17.65 1.56 15.80
C THR B 134 16.22 2.05 16.08
N TRP B 135 16.07 3.37 16.23
CA TRP B 135 14.77 4.08 16.26
C TRP B 135 14.41 4.39 14.80
N ILE B 136 13.50 3.62 14.22
CA ILE B 136 13.19 3.76 12.78
C ILE B 136 11.79 4.36 12.63
N GLU B 137 11.69 5.33 11.69
CA GLU B 137 10.40 5.95 11.31
C GLU B 137 10.22 5.76 9.81
N GLN B 138 9.04 5.28 9.46
CA GLN B 138 8.70 4.99 8.05
C GLN B 138 8.06 6.22 7.40
N PRO B 139 7.95 6.25 6.07
CA PRO B 139 7.50 7.47 5.40
C PRO B 139 6.04 7.78 5.66
N TRP B 140 5.24 6.77 5.96
CA TRP B 140 3.81 6.94 6.28
C TRP B 140 3.66 7.51 7.69
N ASP B 141 4.71 7.63 8.49
CA ASP B 141 4.66 8.31 9.78
C ASP B 141 5.03 9.77 9.74
N MET B 142 5.37 10.28 8.55
N MET B 142 5.46 10.25 8.56
CA MET B 142 5.87 11.67 8.47
CA MET B 142 6.08 11.59 8.31
C MET B 142 5.19 12.34 7.28
C MET B 142 5.31 12.31 7.19
N ALA B 143 5.21 13.65 7.22
CA ALA B 143 4.63 14.40 6.10
C ALA B 143 5.30 15.74 6.01
N VAL B 144 5.23 16.32 4.81
CA VAL B 144 5.71 17.72 4.67
C VAL B 144 4.83 18.64 5.50
N THR B 145 5.44 19.42 6.37
CA THR B 145 4.78 20.20 7.41
C THR B 145 5.42 21.54 7.51
N PHE B 146 4.67 22.61 7.70
CA PHE B 146 5.23 23.97 7.93
C PHE B 146 6.20 23.93 9.10
N VAL B 147 7.32 24.62 8.98
CA VAL B 147 8.23 24.87 10.09
C VAL B 147 8.58 26.34 10.06
N ALA B 148 8.54 27.04 11.16
CA ALA B 148 8.79 28.48 11.21
C ALA B 148 10.21 28.76 10.72
N PRO B 149 10.43 29.87 10.03
CA PRO B 149 11.81 30.23 9.65
C PRO B 149 12.68 30.41 10.89
N LEU B 150 13.96 30.20 10.71
CA LEU B 150 14.91 30.35 11.84
C LEU B 150 14.98 31.77 12.36
N SER B 151 14.80 32.75 11.48
CA SER B 151 14.58 34.16 11.88
C SER B 151 13.15 34.52 11.53
N GLY B 152 12.50 35.19 12.43
CA GLY B 152 11.16 35.72 12.21
C GLY B 152 11.15 37.10 11.59
N LYS B 153 12.28 37.67 11.20
CA LYS B 153 12.34 39.08 10.73
C LYS B 153 11.79 39.20 9.30
S SO4 C . -4.35 -1.55 -11.70
O1 SO4 C . -4.28 -0.34 -10.84
O2 SO4 C . -5.72 -1.75 -12.21
O3 SO4 C . -3.32 -1.47 -12.74
O4 SO4 C . -3.93 -2.56 -10.81
S SO4 D . -11.79 2.91 -14.35
O1 SO4 D . -12.49 3.89 -13.56
O2 SO4 D . -11.79 3.32 -15.75
O3 SO4 D . -12.43 1.63 -14.21
O4 SO4 D . -10.42 2.83 -13.89
S SO4 E . 8.13 -7.65 14.98
O1 SO4 E . 7.08 -8.57 15.27
O2 SO4 E . 7.62 -6.65 14.06
O3 SO4 E . 9.27 -8.20 14.40
O4 SO4 E . 8.56 -7.02 16.27
S SO4 F . 1.20 -2.39 12.70
O1 SO4 F . 1.26 -1.24 13.54
O2 SO4 F . -0.05 -2.46 11.97
O3 SO4 F . 2.06 -2.09 11.53
O4 SO4 F . 1.59 -3.61 13.39
#